data_7V34
#
_entry.id   7V34
#
_cell.length_a   100.990
_cell.length_b   100.990
_cell.length_c   131.387
_cell.angle_alpha   90.000
_cell.angle_beta   90.000
_cell.angle_gamma   120.000
#
_symmetry.space_group_name_H-M   'P 61 2 2'
#
loop_
_entity.id
_entity.type
_entity.pdbx_description
1 polymer dioxygenase
2 non-polymer GLYCEROL
3 non-polymer (3S,4S,5S,8S)-8-[(2S)-butan-2-yl]-3-methyl-3,4-bis(oxidanyl)-1-oxa-7,10-diazaspiro[4.5]decane-6,9-dione
4 non-polymer '2-OXOGLUTARIC ACID'
5 non-polymer 'CHLORIDE ION'
6 non-polymer 'FE (II) ION'
7 water water
#
_entity_poly.entity_id   1
_entity_poly.type   'polypeptide(L)'
_entity_poly.pdbx_seq_one_letter_code
;MTDHARGTLPEIRRGRIYRDVYHKRVDEEPVDRTADLERARLGDDGLDFQDDAAQARAFAQGVFLLEIPEWLDLSAGDRF
ARQFFQGTGVEPYGKYRDLSSEHFGDELLGYHSRVDQLEQFLLERRFWGEVYPSEIATLGEHLTLLSHRVLRSVLASAGI
PEEDWHRASGGCSETNGSYHLTFNHYRSAHQDIGLSSHKDDGFITVLRTTAQGLEVNRDDVWEKVPVDPACFVVNFGLSM
EILTSACVTPLSAIMHRVSHQNFDRSSFGHFSSSRCLPGADDGIYRYLPSAGLERVCGSRELIEENDHEIYMGTEGQGLE
HHHHHHHH
;
_entity_poly.pdbx_strand_id   A
#
# COMPACT_ATOMS: atom_id res chain seq x y z
N VAL A 31 13.53 -11.52 15.42
CA VAL A 31 13.35 -10.30 16.18
C VAL A 31 12.25 -10.52 17.22
N ASP A 32 12.46 -10.00 18.43
CA ASP A 32 11.51 -10.16 19.53
C ASP A 32 10.86 -8.85 19.96
N ARG A 33 11.36 -7.71 19.50
CA ARG A 33 10.75 -6.42 19.81
C ARG A 33 9.50 -6.20 18.97
N THR A 34 8.44 -5.70 19.60
CA THR A 34 7.20 -5.35 18.92
C THR A 34 7.03 -3.83 18.90
N ALA A 35 6.76 -3.28 17.73
CA ALA A 35 6.62 -1.84 17.58
C ALA A 35 5.40 -1.34 18.34
N ASP A 36 5.54 -0.17 18.94
CA ASP A 36 4.42 0.49 19.61
C ASP A 36 3.92 1.56 18.65
N LEU A 37 2.89 1.22 17.86
CA LEU A 37 2.40 2.11 16.83
C LEU A 37 1.27 2.96 17.38
N GLU A 38 1.14 4.16 16.82
CA GLU A 38 -0.03 4.97 17.10
C GLU A 38 -1.24 4.44 16.34
N ARG A 39 -2.41 4.60 16.94
CA ARG A 39 -3.68 4.18 16.34
C ARG A 39 -4.50 5.41 16.00
N ALA A 40 -5.07 5.41 14.79
CA ALA A 40 -5.91 6.51 14.33
C ALA A 40 -7.25 5.99 13.86
N ARG A 41 -8.18 6.93 13.71
CA ARG A 41 -9.49 6.64 13.13
CA ARG A 41 -9.53 6.69 13.21
C ARG A 41 -9.83 7.76 12.17
N LEU A 42 -10.62 7.43 11.15
CA LEU A 42 -11.17 8.47 10.28
C LEU A 42 -12.41 9.02 10.95
N GLY A 43 -12.44 10.34 11.17
CA GLY A 43 -13.58 10.98 11.77
C GLY A 43 -14.07 12.17 10.97
N ASP A 44 -14.84 13.05 11.62
CA ASP A 44 -15.53 14.12 10.90
C ASP A 44 -14.56 15.10 10.25
N ASP A 45 -13.37 15.27 10.81
CA ASP A 45 -12.40 16.21 10.26
C ASP A 45 -11.20 15.51 9.63
N GLY A 46 -11.31 14.22 9.35
CA GLY A 46 -10.17 13.50 8.80
C GLY A 46 -9.57 12.56 9.83
N LEU A 47 -8.26 12.29 9.69
CA LEU A 47 -7.57 11.40 10.61
C LEU A 47 -7.55 11.97 12.02
N ASP A 48 -8.05 11.21 12.98
CA ASP A 48 -8.02 11.56 14.39
C ASP A 48 -7.05 10.63 15.12
N PHE A 49 -5.90 11.18 15.51
CA PHE A 49 -5.02 10.52 16.47
C PHE A 49 -5.43 10.91 17.89
N GLN A 50 -4.74 10.36 18.89
CA GLN A 50 -5.09 10.69 20.27
C GLN A 50 -4.82 12.16 20.57
N ASP A 51 -3.76 12.71 19.99
CA ASP A 51 -3.40 14.11 20.18
C ASP A 51 -2.41 14.49 19.09
N ASP A 52 -2.09 15.78 19.02
CA ASP A 52 -1.21 16.27 17.97
C ASP A 52 0.17 15.63 18.04
N ALA A 53 0.66 15.33 19.24
CA ALA A 53 1.97 14.70 19.34
C ALA A 53 1.95 13.29 18.77
N ALA A 54 0.91 12.52 19.07
CA ALA A 54 0.76 11.18 18.52
C ALA A 54 0.74 11.22 17.00
N GLN A 55 -0.05 12.13 16.42
CA GLN A 55 -0.07 12.27 14.97
C GLN A 55 1.31 12.58 14.41
N ALA A 56 2.07 13.45 15.09
CA ALA A 56 3.39 13.79 14.59
C ALA A 56 4.33 12.58 14.64
N ARG A 57 4.27 11.78 15.70
CA ARG A 57 5.10 10.58 15.78
C ARG A 57 4.73 9.59 14.68
N ALA A 58 3.43 9.32 14.51
CA ALA A 58 2.94 8.43 13.46
C ALA A 58 3.44 8.87 12.08
N PHE A 59 3.25 10.15 11.74
CA PHE A 59 3.70 10.61 10.42
C PHE A 59 5.22 10.62 10.32
N ALA A 60 5.93 10.89 11.43
CA ALA A 60 7.39 10.85 11.39
C ALA A 60 7.90 9.41 11.23
N GLN A 61 7.21 8.44 11.84
CA GLN A 61 7.60 7.06 11.66
C GLN A 61 7.22 6.50 10.30
N GLY A 62 6.20 7.07 9.65
CA GLY A 62 5.76 6.54 8.38
C GLY A 62 4.91 5.28 8.46
N VAL A 63 4.35 4.95 9.62
CA VAL A 63 3.50 3.78 9.76
C VAL A 63 2.62 3.96 10.98
N PHE A 64 1.36 3.54 10.89
CA PHE A 64 0.47 3.59 12.03
C PHE A 64 -0.71 2.66 11.78
N LEU A 65 -1.52 2.48 12.80
CA LEU A 65 -2.72 1.66 12.70
C LEU A 65 -3.93 2.52 12.44
N LEU A 66 -4.86 2.02 11.64
CA LEU A 66 -6.08 2.75 11.29
C LEU A 66 -7.28 1.85 11.53
N GLU A 67 -8.20 2.29 12.39
CA GLU A 67 -9.37 1.48 12.70
C GLU A 67 -10.19 1.21 11.45
N ILE A 68 -10.62 -0.03 11.30
CA ILE A 68 -11.42 -0.41 10.13
C ILE A 68 -12.87 0.00 10.40
N PRO A 69 -13.50 0.76 9.50
CA PRO A 69 -14.91 1.12 9.70
C PRO A 69 -15.76 -0.10 9.94
N GLU A 70 -16.64 0.00 10.93
CA GLU A 70 -17.45 -1.15 11.33
C GLU A 70 -18.33 -1.65 10.20
N TRP A 71 -18.75 -0.77 9.29
CA TRP A 71 -19.62 -1.17 8.18
C TRP A 71 -18.88 -1.85 7.05
N LEU A 72 -17.54 -1.85 7.05
CA LEU A 72 -16.76 -2.31 5.90
C LEU A 72 -16.50 -3.81 5.99
N ASP A 73 -16.98 -4.54 4.98
CA ASP A 73 -16.87 -6.00 4.97
C ASP A 73 -15.58 -6.39 4.28
N LEU A 74 -14.68 -7.07 5.00
CA LEU A 74 -13.41 -7.50 4.44
C LEU A 74 -13.37 -9.00 4.15
N SER A 75 -14.49 -9.70 4.31
CA SER A 75 -14.45 -11.15 4.28
C SER A 75 -14.23 -11.68 2.87
N ALA A 76 -14.76 -11.01 1.84
CA ALA A 76 -14.48 -11.44 0.47
C ALA A 76 -13.03 -11.19 0.10
N GLY A 77 -12.48 -10.03 0.47
CA GLY A 77 -11.05 -9.80 0.27
C GLY A 77 -10.19 -10.82 1.00
N ASP A 78 -10.52 -11.11 2.26
CA ASP A 78 -9.76 -12.13 2.99
C ASP A 78 -9.80 -13.47 2.27
N ARG A 79 -10.98 -13.85 1.77
CA ARG A 79 -11.12 -15.11 1.05
CA ARG A 79 -11.14 -15.11 1.04
C ARG A 79 -10.36 -15.09 -0.27
N PHE A 80 -10.36 -13.95 -0.98
CA PHE A 80 -9.61 -13.83 -2.23
C PHE A 80 -8.11 -14.07 -1.98
N ALA A 81 -7.57 -13.49 -0.92
CA ALA A 81 -6.14 -13.65 -0.64
C ALA A 81 -5.79 -15.09 -0.31
N ARG A 82 -6.73 -15.84 0.30
CA ARG A 82 -6.53 -17.26 0.62
C ARG A 82 -6.68 -18.17 -0.59
N GLN A 83 -7.31 -17.71 -1.68
CA GLN A 83 -7.68 -18.59 -2.79
C GLN A 83 -7.02 -18.26 -4.11
N PHE A 84 -6.65 -17.00 -4.38
CA PHE A 84 -6.35 -16.59 -5.75
C PHE A 84 -5.29 -17.46 -6.42
N PHE A 85 -4.40 -18.02 -5.64
CA PHE A 85 -3.24 -18.73 -6.19
C PHE A 85 -3.52 -20.21 -6.49
N GLN A 86 -4.72 -20.69 -6.18
CA GLN A 86 -4.99 -22.13 -6.17
C GLN A 86 -5.53 -22.70 -7.48
N GLY A 87 -5.88 -21.87 -8.47
CA GLY A 87 -6.29 -22.37 -9.78
C GLY A 87 -7.80 -22.63 -9.89
N THR A 88 -8.22 -22.93 -11.13
CA THR A 88 -9.66 -22.98 -11.43
C THR A 88 -10.41 -24.09 -10.72
N GLY A 89 -9.73 -25.07 -10.11
CA GLY A 89 -10.49 -26.01 -9.32
C GLY A 89 -11.15 -25.43 -8.07
N VAL A 90 -10.78 -24.23 -7.64
CA VAL A 90 -11.16 -23.71 -6.32
C VAL A 90 -12.03 -22.48 -6.51
N GLU A 91 -13.29 -22.56 -6.05
CA GLU A 91 -14.32 -21.55 -6.23
C GLU A 91 -14.44 -20.66 -4.99
N PRO A 92 -14.69 -19.35 -5.15
CA PRO A 92 -14.94 -18.64 -6.43
C PRO A 92 -13.74 -17.91 -7.01
N TYR A 93 -12.58 -17.94 -6.36
CA TYR A 93 -11.48 -17.04 -6.70
C TYR A 93 -10.21 -17.72 -7.24
N GLY A 94 -10.10 -19.06 -7.16
CA GLY A 94 -8.86 -19.72 -7.59
C GLY A 94 -8.49 -19.47 -9.04
N LYS A 95 -9.47 -19.18 -9.89
CA LYS A 95 -9.20 -19.00 -11.31
C LYS A 95 -8.29 -17.82 -11.62
N TYR A 96 -8.14 -16.86 -10.68
CA TYR A 96 -7.31 -15.69 -10.98
C TYR A 96 -5.83 -16.05 -11.10
N ARG A 97 -5.44 -17.25 -10.63
CA ARG A 97 -4.09 -17.77 -10.85
C ARG A 97 -3.72 -17.82 -12.32
N ASP A 98 -4.70 -18.03 -13.20
CA ASP A 98 -4.42 -18.19 -14.63
C ASP A 98 -4.31 -16.87 -15.38
N LEU A 99 -4.54 -15.71 -14.74
CA LEU A 99 -4.48 -14.43 -15.44
C LEU A 99 -3.09 -13.82 -15.22
N SER A 100 -2.23 -13.93 -16.24
CA SER A 100 -0.87 -13.40 -16.18
C SER A 100 -0.82 -11.97 -16.73
N SER A 101 0.36 -11.36 -16.66
CA SER A 101 0.51 -9.97 -17.13
C SER A 101 0.12 -9.82 -18.59
N GLU A 102 0.31 -10.87 -19.40
CA GLU A 102 -0.03 -10.82 -20.81
C GLU A 102 -1.48 -10.43 -21.04
N HIS A 103 -2.38 -10.80 -20.13
CA HIS A 103 -3.80 -10.53 -20.33
C HIS A 103 -4.16 -9.06 -20.14
N PHE A 104 -3.22 -8.23 -19.67
CA PHE A 104 -3.55 -6.86 -19.30
C PHE A 104 -2.75 -5.81 -20.07
N GLY A 105 -1.82 -6.21 -20.93
CA GLY A 105 -0.97 -5.25 -21.60
C GLY A 105 -0.12 -4.45 -20.65
N ASP A 106 0.12 -4.96 -19.45
CA ASP A 106 0.85 -4.24 -18.41
C ASP A 106 1.59 -5.31 -17.61
N GLU A 107 2.92 -5.35 -17.74
CA GLU A 107 3.73 -6.36 -17.07
C GLU A 107 3.56 -6.38 -15.56
N LEU A 108 3.08 -5.29 -14.97
CA LEU A 108 2.97 -5.22 -13.52
C LEU A 108 1.78 -5.99 -12.97
N LEU A 109 0.81 -6.34 -13.80
CA LEU A 109 -0.49 -6.79 -13.33
C LEU A 109 -0.65 -8.32 -13.48
N GLY A 110 -1.72 -8.83 -12.90
CA GLY A 110 -2.00 -10.26 -12.98
C GLY A 110 -1.29 -11.03 -11.88
N TYR A 111 -1.20 -12.35 -12.08
CA TYR A 111 -0.52 -13.25 -11.15
C TYR A 111 1.00 -13.19 -11.31
N HIS A 112 1.72 -13.11 -10.19
CA HIS A 112 3.19 -13.07 -10.20
C HIS A 112 3.74 -13.92 -9.07
N SER A 113 4.55 -14.92 -9.42
CA SER A 113 5.38 -15.62 -8.44
C SER A 113 6.63 -14.79 -8.19
N ARG A 114 6.89 -14.45 -6.94
CA ARG A 114 8.11 -13.71 -6.64
C ARG A 114 9.24 -14.66 -6.24
N VAL A 115 10.46 -14.11 -6.14
CA VAL A 115 11.62 -14.90 -5.72
C VAL A 115 11.56 -15.23 -4.22
N ASP A 116 10.86 -14.41 -3.43
CA ASP A 116 10.65 -14.72 -2.03
C ASP A 116 9.51 -15.72 -1.89
N GLN A 117 9.08 -15.97 -0.64
CA GLN A 117 7.93 -16.86 -0.44
C GLN A 117 6.68 -16.31 -1.10
N LEU A 118 6.60 -14.98 -1.23
CA LEU A 118 5.39 -14.32 -1.73
C LEU A 118 5.04 -14.69 -3.16
N GLU A 119 3.75 -14.94 -3.40
CA GLU A 119 3.16 -14.84 -4.72
C GLU A 119 1.99 -13.85 -4.63
N GLN A 120 1.72 -13.13 -5.73
CA GLN A 120 0.77 -12.01 -5.69
C GLN A 120 -0.21 -12.05 -6.85
N PHE A 121 -1.37 -11.42 -6.65
CA PHE A 121 -2.20 -11.00 -7.77
C PHE A 121 -2.42 -9.49 -7.64
N LEU A 122 -2.00 -8.75 -8.69
CA LEU A 122 -2.02 -7.29 -8.68
C LEU A 122 -2.96 -6.81 -9.77
N LEU A 123 -3.84 -5.86 -9.44
CA LEU A 123 -4.73 -5.34 -10.46
C LEU A 123 -5.01 -3.87 -10.21
N GLU A 124 -4.79 -3.04 -11.23
CA GLU A 124 -5.06 -1.61 -11.17
C GLU A 124 -6.54 -1.33 -11.42
N ARG A 125 -7.00 -0.24 -10.81
CA ARG A 125 -8.43 0.11 -10.77
C ARG A 125 -9.10 0.13 -12.14
N ARG A 126 -8.38 0.51 -13.20
CA ARG A 126 -9.02 0.59 -14.51
C ARG A 126 -9.56 -0.77 -14.98
N PHE A 127 -9.10 -1.86 -14.38
CA PHE A 127 -9.56 -3.20 -14.70
C PHE A 127 -10.51 -3.81 -13.67
N TRP A 128 -10.76 -3.13 -12.53
CA TRP A 128 -11.50 -3.80 -11.45
C TRP A 128 -12.91 -4.20 -11.90
N GLY A 129 -13.66 -3.25 -12.47
CA GLY A 129 -15.05 -3.55 -12.85
C GLY A 129 -15.15 -4.68 -13.86
N GLU A 130 -14.22 -4.72 -14.81
CA GLU A 130 -14.28 -5.73 -15.85
C GLU A 130 -13.71 -7.09 -15.41
N VAL A 131 -12.68 -7.11 -14.55
CA VAL A 131 -11.89 -8.31 -14.33
C VAL A 131 -12.12 -8.91 -12.93
N TYR A 132 -12.21 -8.07 -11.89
CA TYR A 132 -12.41 -8.61 -10.55
C TYR A 132 -13.85 -9.07 -10.36
N PRO A 133 -14.09 -10.01 -9.43
CA PRO A 133 -15.47 -10.24 -8.99
C PRO A 133 -16.06 -8.93 -8.50
N SER A 134 -17.36 -8.75 -8.74
CA SER A 134 -18.03 -7.49 -8.40
C SER A 134 -17.79 -7.10 -6.94
N GLU A 135 -17.89 -8.04 -6.00
CA GLU A 135 -17.69 -7.69 -4.60
C GLU A 135 -16.24 -7.31 -4.28
N ILE A 136 -15.28 -7.77 -5.08
CA ILE A 136 -13.89 -7.37 -4.88
C ILE A 136 -13.65 -5.98 -5.46
N ALA A 137 -14.26 -5.65 -6.60
CA ALA A 137 -14.18 -4.29 -7.11
C ALA A 137 -14.80 -3.31 -6.11
N THR A 138 -15.93 -3.68 -5.51
CA THR A 138 -16.54 -2.83 -4.48
C THR A 138 -15.59 -2.58 -3.32
N LEU A 139 -14.94 -3.64 -2.83
CA LEU A 139 -13.95 -3.46 -1.77
C LEU A 139 -12.86 -2.50 -2.21
N GLY A 140 -12.35 -2.67 -3.43
CA GLY A 140 -11.33 -1.76 -3.92
C GLY A 140 -11.81 -0.31 -3.93
N GLU A 141 -13.06 -0.08 -4.32
CA GLU A 141 -13.58 1.28 -4.36
C GLU A 141 -13.68 1.88 -2.94
N HIS A 142 -14.20 1.11 -1.98
CA HIS A 142 -14.24 1.58 -0.58
C HIS A 142 -12.85 1.98 -0.11
N LEU A 143 -11.85 1.12 -0.37
CA LEU A 143 -10.48 1.40 0.07
C LEU A 143 -9.89 2.61 -0.65
N THR A 144 -10.26 2.82 -1.90
CA THR A 144 -9.78 4.00 -2.61
C THR A 144 -10.26 5.27 -1.91
N LEU A 145 -11.55 5.34 -1.58
CA LEU A 145 -12.07 6.55 -0.94
C LEU A 145 -11.58 6.70 0.50
N LEU A 146 -11.38 5.59 1.22
CA LEU A 146 -10.77 5.68 2.54
C LEU A 146 -9.35 6.22 2.43
N SER A 147 -8.56 5.65 1.52
CA SER A 147 -7.18 6.08 1.33
C SER A 147 -7.11 7.55 0.91
N HIS A 148 -7.99 7.95 0.00
CA HIS A 148 -8.09 9.37 -0.39
C HIS A 148 -8.24 10.27 0.84
N ARG A 149 -9.12 9.89 1.76
CA ARG A 149 -9.31 10.71 2.95
C ARG A 149 -8.05 10.74 3.81
N VAL A 150 -7.40 9.58 3.97
CA VAL A 150 -6.14 9.53 4.71
C VAL A 150 -5.10 10.42 4.06
N LEU A 151 -4.93 10.31 2.73
CA LEU A 151 -3.89 11.07 2.05
C LEU A 151 -4.12 12.58 2.20
N ARG A 152 -5.37 13.03 2.12
CA ARG A 152 -5.62 14.48 2.22
C ARG A 152 -5.27 15.01 3.60
N SER A 153 -5.51 14.22 4.66
CA SER A 153 -5.08 14.63 5.99
C SER A 153 -3.56 14.78 6.07
N VAL A 154 -2.82 13.87 5.43
CA VAL A 154 -1.37 13.92 5.44
C VAL A 154 -0.87 15.14 4.65
N LEU A 155 -1.44 15.38 3.47
CA LEU A 155 -1.01 16.50 2.66
C LEU A 155 -1.21 17.83 3.40
N ALA A 156 -2.31 17.94 4.15
CA ALA A 156 -2.59 19.15 4.92
C ALA A 156 -1.58 19.35 6.03
N SER A 157 -1.13 18.26 6.67
CA SER A 157 -0.12 18.38 7.71
C SER A 157 1.24 18.78 7.16
N ALA A 158 1.50 18.55 5.88
CA ALA A 158 2.80 18.85 5.31
C ALA A 158 2.95 20.30 4.89
N GLY A 159 1.89 21.11 4.96
CA GLY A 159 1.98 22.49 4.52
C GLY A 159 2.18 22.67 3.03
N ILE A 160 1.65 21.76 2.21
CA ILE A 160 1.64 21.96 0.77
C ILE A 160 0.36 22.71 0.40
N PRO A 161 0.44 23.77 -0.40
CA PRO A 161 -0.79 24.48 -0.80
C PRO A 161 -1.77 23.56 -1.49
N GLU A 162 -3.06 23.73 -1.17
CA GLU A 162 -4.08 22.81 -1.64
C GLU A 162 -4.18 22.78 -3.16
N GLU A 163 -3.91 23.89 -3.84
CA GLU A 163 -4.02 23.82 -5.29
C GLU A 163 -2.86 23.07 -5.93
N ASP A 164 -1.82 22.73 -5.17
CA ASP A 164 -0.76 21.87 -5.70
C ASP A 164 -1.00 20.39 -5.41
N TRP A 165 -2.05 20.04 -4.66
CA TRP A 165 -2.20 18.65 -4.21
C TRP A 165 -2.37 17.68 -5.37
N HIS A 166 -3.18 18.04 -6.38
CA HIS A 166 -3.49 17.10 -7.46
C HIS A 166 -2.24 16.72 -8.24
N ARG A 167 -1.44 17.72 -8.63
CA ARG A 167 -0.21 17.41 -9.34
C ARG A 167 0.82 16.75 -8.42
N ALA A 168 0.90 17.19 -7.16
CA ALA A 168 1.88 16.62 -6.24
C ALA A 168 1.61 15.14 -5.95
N SER A 169 0.34 14.74 -6.01
CA SER A 169 -0.06 13.38 -5.66
C SER A 169 -0.37 12.53 -6.89
N GLY A 170 -0.08 13.03 -8.09
CA GLY A 170 -0.41 12.35 -9.33
C GLY A 170 -1.87 11.93 -9.40
N GLY A 171 -2.76 12.76 -8.84
CA GLY A 171 -4.19 12.52 -8.87
C GLY A 171 -4.77 11.87 -7.62
N CYS A 172 -3.93 11.35 -6.71
CA CYS A 172 -4.46 10.67 -5.53
C CYS A 172 -5.09 11.62 -4.51
N SER A 173 -4.81 12.95 -4.57
CA SER A 173 -5.56 13.84 -3.68
C SER A 173 -7.02 13.93 -4.07
N GLU A 174 -7.37 13.48 -5.27
CA GLU A 174 -8.77 13.29 -5.66
C GLU A 174 -8.98 11.80 -5.88
N THR A 175 -9.53 11.38 -7.03
CA THR A 175 -9.68 9.95 -7.31
C THR A 175 -9.09 9.59 -8.69
N ASN A 176 -8.07 10.33 -9.12
CA ASN A 176 -7.45 10.16 -10.42
C ASN A 176 -6.07 9.54 -10.37
N GLY A 177 -5.65 8.98 -9.22
CA GLY A 177 -4.38 8.29 -9.13
C GLY A 177 -4.44 6.92 -9.80
N SER A 178 -3.32 6.19 -9.72
CA SER A 178 -3.31 4.76 -10.01
C SER A 178 -3.45 4.01 -8.71
N TYR A 179 -4.36 3.03 -8.68
CA TYR A 179 -4.68 2.31 -7.46
C TYR A 179 -4.58 0.83 -7.75
N HIS A 180 -3.75 0.12 -6.99
CA HIS A 180 -3.65 -1.33 -7.12
C HIS A 180 -4.24 -1.98 -5.88
N LEU A 181 -5.20 -2.89 -6.10
CA LEU A 181 -5.67 -3.79 -5.05
C LEU A 181 -4.92 -5.11 -5.27
N THR A 182 -4.07 -5.47 -4.32
CA THR A 182 -3.06 -6.49 -4.52
C THR A 182 -3.18 -7.53 -3.41
N PHE A 183 -3.24 -8.80 -3.80
CA PHE A 183 -3.46 -9.91 -2.87
C PHE A 183 -2.17 -10.71 -2.75
N ASN A 184 -1.81 -11.08 -1.53
CA ASN A 184 -0.52 -11.69 -1.20
C ASN A 184 -0.74 -13.05 -0.53
N HIS A 185 0.05 -14.04 -0.94
CA HIS A 185 0.08 -15.33 -0.27
C HIS A 185 1.53 -15.75 -0.09
N TYR A 186 1.90 -16.13 1.13
CA TYR A 186 3.25 -16.56 1.44
C TYR A 186 3.33 -18.08 1.42
N ARG A 187 4.13 -18.63 0.52
CA ARG A 187 4.26 -20.08 0.34
C ARG A 187 5.28 -20.60 1.36
N SER A 188 4.79 -21.15 2.46
CA SER A 188 5.71 -21.52 3.54
C SER A 188 6.62 -22.67 3.14
N ALA A 189 6.29 -23.42 2.09
CA ALA A 189 7.18 -24.47 1.63
C ALA A 189 8.43 -23.93 0.94
N HIS A 190 8.45 -22.66 0.55
CA HIS A 190 9.63 -22.08 -0.08
C HIS A 190 10.60 -21.59 1.00
N GLN A 191 11.87 -21.91 0.84
CA GLN A 191 12.90 -21.60 1.84
C GLN A 191 13.51 -20.23 1.56
N ASP A 192 12.65 -19.22 1.53
CA ASP A 192 13.03 -17.83 1.34
C ASP A 192 12.53 -17.00 2.52
N ILE A 193 13.03 -15.77 2.63
CA ILE A 193 12.31 -14.79 3.45
C ILE A 193 10.87 -14.63 2.87
N GLY A 194 9.96 -14.16 3.71
CA GLY A 194 8.58 -14.00 3.27
C GLY A 194 8.47 -12.95 2.18
N LEU A 195 8.95 -11.75 2.47
CA LEU A 195 9.04 -10.69 1.48
C LEU A 195 10.23 -9.83 1.89
N SER A 196 11.14 -9.61 0.95
CA SER A 196 12.37 -8.88 1.25
C SER A 196 12.08 -7.48 1.79
N SER A 197 13.04 -6.99 2.58
CA SER A 197 13.04 -5.60 3.03
C SER A 197 12.83 -4.64 1.87
N HIS A 198 11.91 -3.69 2.04
CA HIS A 198 11.60 -2.79 0.94
C HIS A 198 10.80 -1.60 1.46
N LYS A 199 10.72 -0.59 0.62
CA LYS A 199 9.76 0.50 0.73
C LYS A 199 8.76 0.36 -0.39
N ASP A 200 7.49 0.67 -0.10
CA ASP A 200 6.48 0.68 -1.16
C ASP A 200 6.73 1.84 -2.11
N ASP A 201 6.15 1.76 -3.31
CA ASP A 201 6.43 2.76 -4.34
C ASP A 201 5.71 4.09 -4.13
N GLY A 202 4.50 4.08 -3.59
CA GLY A 202 3.53 5.14 -3.83
C GLY A 202 3.43 6.15 -2.71
N PHE A 203 2.24 6.72 -2.53
CA PHE A 203 2.02 7.66 -1.44
C PHE A 203 1.50 6.97 -0.18
N ILE A 204 0.47 6.13 -0.32
CA ILE A 204 -0.20 5.50 0.82
C ILE A 204 -0.45 4.04 0.46
N THR A 205 -0.13 3.15 1.41
CA THR A 205 -0.55 1.76 1.36
C THR A 205 -1.51 1.53 2.52
N VAL A 206 -2.67 0.95 2.23
CA VAL A 206 -3.58 0.51 3.28
C VAL A 206 -3.50 -1.01 3.29
N LEU A 207 -2.89 -1.56 4.32
CA LEU A 207 -2.58 -2.98 4.37
C LEU A 207 -3.54 -3.69 5.32
N ARG A 208 -4.19 -4.73 4.81
CA ARG A 208 -5.03 -5.61 5.61
C ARG A 208 -4.22 -6.87 5.95
N THR A 209 -3.83 -7.01 7.20
CA THR A 209 -3.10 -8.18 7.66
C THR A 209 -3.73 -8.71 8.94
N THR A 210 -3.87 -10.04 9.03
CA THR A 210 -4.47 -10.67 10.21
C THR A 210 -3.55 -11.64 10.94
N ALA A 211 -2.29 -11.78 10.51
CA ALA A 211 -1.40 -12.77 11.08
C ALA A 211 -0.01 -12.15 11.20
N GLN A 212 0.75 -12.63 12.18
CA GLN A 212 2.11 -12.13 12.39
C GLN A 212 2.99 -12.35 11.15
N GLY A 213 4.08 -11.59 11.07
CA GLY A 213 5.06 -11.73 10.00
C GLY A 213 5.59 -10.40 9.50
N LEU A 214 4.74 -9.38 9.50
CA LEU A 214 5.17 -8.05 9.12
C LEU A 214 6.12 -7.46 10.16
N GLU A 215 7.25 -6.95 9.70
CA GLU A 215 8.21 -6.29 10.55
C GLU A 215 8.57 -4.95 9.95
N VAL A 216 8.90 -3.98 10.81
CA VAL A 216 9.26 -2.64 10.37
C VAL A 216 10.60 -2.24 10.96
N ASN A 217 11.32 -1.40 10.23
CA ASN A 217 12.62 -0.93 10.68
C ASN A 217 12.52 0.58 10.88
N ARG A 218 12.10 0.97 12.08
CA ARG A 218 12.26 2.33 12.56
C ARG A 218 13.53 2.41 13.38
N ASP A 219 14.39 3.39 13.08
CA ASP A 219 15.58 3.67 13.88
C ASP A 219 16.55 2.50 13.92
N ASP A 220 16.71 1.82 12.78
CA ASP A 220 17.76 0.82 12.60
C ASP A 220 17.65 -0.37 13.56
N VAL A 221 16.44 -0.72 13.99
CA VAL A 221 16.18 -2.03 14.60
C VAL A 221 14.88 -2.58 14.03
N TRP A 222 14.90 -3.85 13.64
CA TRP A 222 13.70 -4.50 13.13
C TRP A 222 12.74 -4.80 14.28
N GLU A 223 11.46 -4.49 14.07
CA GLU A 223 10.45 -4.73 15.08
C GLU A 223 9.20 -5.35 14.45
N LYS A 224 8.55 -6.25 15.18
CA LYS A 224 7.31 -6.85 14.71
C LYS A 224 6.17 -5.84 14.80
N VAL A 225 5.34 -5.80 13.76
CA VAL A 225 4.12 -5.01 13.79
C VAL A 225 3.07 -5.81 14.54
N PRO A 226 2.49 -5.26 15.60
CA PRO A 226 1.48 -6.01 16.35
C PRO A 226 0.30 -6.36 15.45
N VAL A 227 -0.26 -7.54 15.66
CA VAL A 227 -1.40 -8.02 14.88
C VAL A 227 -2.67 -7.50 15.53
N ASP A 228 -3.52 -6.89 14.73
CA ASP A 228 -4.79 -6.36 15.21
C ASP A 228 -5.74 -6.39 14.03
N PRO A 229 -6.58 -7.43 13.93
CA PRO A 229 -7.46 -7.55 12.76
C PRO A 229 -8.58 -6.53 12.71
N ALA A 230 -8.71 -5.66 13.71
CA ALA A 230 -9.64 -4.54 13.72
C ALA A 230 -9.04 -3.27 13.13
N CYS A 231 -7.77 -3.29 12.76
CA CYS A 231 -7.10 -2.13 12.18
C CYS A 231 -6.42 -2.53 10.88
N PHE A 232 -6.36 -1.57 9.95
CA PHE A 232 -5.39 -1.65 8.88
C PHE A 232 -4.04 -1.16 9.38
N VAL A 233 -2.99 -1.55 8.69
CA VAL A 233 -1.69 -0.92 8.83
C VAL A 233 -1.55 0.09 7.70
N VAL A 234 -1.25 1.34 8.01
CA VAL A 234 -1.06 2.35 7.00
C VAL A 234 0.42 2.69 6.94
N ASN A 235 0.98 2.74 5.75
CA ASN A 235 2.31 3.30 5.68
C ASN A 235 2.46 4.12 4.42
N PHE A 236 3.51 4.92 4.40
CA PHE A 236 3.86 5.77 3.29
C PHE A 236 4.84 5.05 2.38
N GLY A 237 4.78 5.36 1.10
CA GLY A 237 5.70 4.83 0.12
C GLY A 237 6.74 5.86 -0.29
N LEU A 238 7.56 5.44 -1.25
CA LEU A 238 8.67 6.26 -1.72
C LEU A 238 8.18 7.61 -2.25
N SER A 239 7.00 7.65 -2.87
CA SER A 239 6.53 8.89 -3.45
C SER A 239 6.23 9.92 -2.37
N MET A 240 5.71 9.47 -1.22
CA MET A 240 5.50 10.38 -0.10
C MET A 240 6.82 10.92 0.41
N GLU A 241 7.84 10.05 0.48
CA GLU A 241 9.16 10.46 0.96
C GLU A 241 9.78 11.49 0.03
N ILE A 242 9.75 11.23 -1.29
CA ILE A 242 10.26 12.17 -2.26
C ILE A 242 9.51 13.50 -2.18
N LEU A 243 8.17 13.43 -2.16
CA LEU A 243 7.34 14.64 -2.16
C LEU A 243 7.68 15.55 -0.99
N THR A 244 7.88 14.98 0.21
CA THR A 244 8.04 15.77 1.42
C THR A 244 9.51 15.90 1.85
N SER A 245 10.45 15.48 1.02
CA SER A 245 11.86 15.43 1.43
C SER A 245 12.44 16.81 1.74
N ALA A 246 11.89 17.88 1.17
CA ALA A 246 12.38 19.23 1.44
C ALA A 246 11.51 19.99 2.42
N CYS A 247 10.47 19.37 2.96
CA CYS A 247 9.62 20.02 3.94
C CYS A 247 10.34 20.14 5.27
N VAL A 248 9.72 20.91 6.18
CA VAL A 248 10.34 21.13 7.47
C VAL A 248 10.34 19.85 8.29
N THR A 249 9.34 18.99 8.09
CA THR A 249 9.28 17.68 8.73
C THR A 249 9.11 16.64 7.64
N PRO A 250 10.19 16.19 7.03
CA PRO A 250 10.07 15.18 5.96
C PRO A 250 9.44 13.91 6.52
N LEU A 251 8.65 13.26 5.67
CA LEU A 251 7.98 12.02 6.02
C LEU A 251 8.72 10.86 5.35
N SER A 252 8.83 9.75 6.07
CA SER A 252 9.60 8.61 5.59
C SER A 252 8.69 7.53 4.99
N ALA A 253 9.21 6.85 3.98
CA ALA A 253 8.66 5.57 3.53
C ALA A 253 9.23 4.46 4.40
N ILE A 254 8.38 3.78 5.16
CA ILE A 254 8.86 2.84 6.15
C ILE A 254 9.50 1.64 5.46
N MET A 255 10.70 1.29 5.90
CA MET A 255 11.31 0.04 5.49
C MET A 255 10.60 -1.11 6.19
N HIS A 256 10.15 -2.10 5.43
CA HIS A 256 9.46 -3.21 6.07
C HIS A 256 9.67 -4.52 5.29
N ARG A 257 9.35 -5.62 5.95
CA ARG A 257 9.59 -6.94 5.36
C ARG A 257 8.60 -7.89 5.99
N VAL A 258 8.53 -9.10 5.44
CA VAL A 258 7.77 -10.20 6.03
C VAL A 258 8.75 -11.32 6.31
N SER A 259 8.84 -11.73 7.58
CA SER A 259 9.78 -12.78 7.95
C SER A 259 9.39 -14.10 7.28
N HIS A 260 10.38 -14.98 7.18
CA HIS A 260 10.13 -16.33 6.70
C HIS A 260 8.96 -16.95 7.44
N GLN A 261 8.02 -17.50 6.68
CA GLN A 261 6.80 -18.08 7.25
C GLN A 261 6.94 -19.60 7.29
N ASN A 262 6.73 -20.19 8.46
CA ASN A 262 6.73 -21.64 8.60
C ASN A 262 5.36 -22.25 8.35
N PHE A 263 4.31 -21.47 8.45
CA PHE A 263 2.99 -21.84 7.96
C PHE A 263 2.56 -20.77 6.96
N ASP A 264 1.57 -21.10 6.14
CA ASP A 264 1.11 -20.16 5.14
C ASP A 264 0.60 -18.87 5.79
N ARG A 265 0.62 -17.80 5.00
CA ARG A 265 0.15 -16.49 5.43
C ARG A 265 -0.45 -15.80 4.22
N SER A 266 -1.48 -15.00 4.44
CA SER A 266 -2.01 -14.16 3.36
C SER A 266 -2.35 -12.78 3.92
N SER A 267 -2.54 -11.84 2.99
CA SER A 267 -2.82 -10.44 3.30
C SER A 267 -3.20 -9.77 1.99
N PHE A 268 -3.70 -8.54 2.08
CA PHE A 268 -3.88 -7.76 0.86
C PHE A 268 -3.73 -6.30 1.21
N GLY A 269 -3.45 -5.51 0.19
CA GLY A 269 -3.24 -4.09 0.38
C GLY A 269 -3.82 -3.30 -0.77
N HIS A 270 -4.19 -2.07 -0.46
CA HIS A 270 -4.60 -1.07 -1.44
C HIS A 270 -3.47 -0.05 -1.55
N PHE A 271 -2.95 0.13 -2.75
CA PHE A 271 -1.78 0.94 -3.01
C PHE A 271 -2.18 2.13 -3.88
N SER A 272 -1.78 3.34 -3.47
CA SER A 272 -2.08 4.57 -4.20
C SER A 272 -0.79 5.16 -4.77
N SER A 273 -0.75 5.34 -6.08
CA SER A 273 0.43 5.84 -6.75
C SER A 273 0.05 6.96 -7.69
N SER A 274 1.00 7.84 -7.96
CA SER A 274 0.83 8.79 -9.05
C SER A 274 0.43 8.05 -10.30
N ARG A 275 -0.58 8.57 -11.01
CA ARG A 275 -1.11 7.87 -12.16
C ARG A 275 0.02 7.38 -13.07
N CYS A 276 0.08 6.06 -13.27
CA CYS A 276 1.20 5.41 -13.96
C CYS A 276 0.73 4.50 -15.10
N LEU A 277 -0.34 4.88 -15.79
CA LEU A 277 -0.80 4.07 -16.91
C LEU A 277 0.28 4.06 -17.99
N PRO A 278 0.34 3.01 -18.81
CA PRO A 278 1.18 3.06 -20.00
C PRO A 278 0.76 4.24 -20.87
N GLY A 279 1.73 5.06 -21.26
CA GLY A 279 1.47 6.22 -22.10
C GLY A 279 0.72 7.36 -21.46
N ALA A 280 0.42 7.31 -20.15
CA ALA A 280 -0.27 8.39 -19.43
C ALA A 280 0.24 8.39 -17.98
N ASP A 281 1.43 8.95 -17.80
CA ASP A 281 2.16 8.93 -16.54
C ASP A 281 2.23 10.35 -15.98
N ASP A 282 1.75 10.54 -14.75
CA ASP A 282 1.69 11.88 -14.15
C ASP A 282 3.01 12.34 -13.56
N GLY A 283 4.01 11.47 -13.40
CA GLY A 283 5.28 11.87 -12.85
C GLY A 283 5.30 11.89 -11.34
N ILE A 284 6.52 11.99 -10.80
CA ILE A 284 6.80 12.04 -9.38
C ILE A 284 7.47 13.38 -9.10
N TYR A 285 7.06 14.05 -8.03
CA TYR A 285 7.47 15.43 -7.76
C TYR A 285 7.98 15.58 -6.34
N ARG A 286 8.90 16.52 -6.16
CA ARG A 286 9.32 16.97 -4.83
C ARG A 286 8.78 18.37 -4.63
N TYR A 287 8.20 18.64 -3.46
CA TYR A 287 7.67 19.96 -3.19
C TYR A 287 8.77 20.85 -2.61
N LEU A 288 8.99 22.00 -3.23
CA LEU A 288 9.98 22.97 -2.79
C LEU A 288 9.26 24.08 -2.04
N PRO A 289 9.36 24.16 -0.72
CA PRO A 289 8.61 25.17 0.01
C PRO A 289 8.88 26.57 -0.55
N SER A 290 7.79 27.33 -0.71
CA SER A 290 7.74 28.73 -1.18
C SER A 290 7.93 28.81 -2.70
N ALA A 291 8.15 27.68 -3.39
CA ALA A 291 8.43 27.72 -4.82
C ALA A 291 7.42 26.91 -5.63
N GLY A 292 7.29 25.62 -5.37
CA GLY A 292 6.37 24.79 -6.09
C GLY A 292 6.94 23.40 -6.26
N LEU A 293 6.44 22.69 -7.27
CA LEU A 293 6.76 21.29 -7.48
C LEU A 293 7.82 21.15 -8.56
N GLU A 294 8.81 20.31 -8.31
CA GLU A 294 9.79 19.98 -9.34
C GLU A 294 9.75 18.48 -9.62
N ARG A 295 9.79 18.14 -10.92
CA ARG A 295 9.69 16.75 -11.34
C ARG A 295 10.96 15.99 -11.02
N VAL A 296 10.80 14.79 -10.45
CA VAL A 296 11.90 13.92 -10.08
C VAL A 296 12.08 12.78 -11.07
N CYS A 297 10.99 12.07 -11.40
CA CYS A 297 11.06 10.93 -12.30
C CYS A 297 9.63 10.53 -12.66
N GLY A 298 9.51 9.42 -13.41
CA GLY A 298 8.21 8.89 -13.77
C GLY A 298 7.63 8.00 -12.67
N SER A 299 6.30 7.91 -12.65
CA SER A 299 5.67 7.02 -11.69
C SER A 299 5.99 5.56 -12.00
N ARG A 300 5.75 5.14 -13.25
CA ARG A 300 6.10 3.77 -13.65
C ARG A 300 7.59 3.52 -13.51
N GLU A 301 8.41 4.51 -13.90
CA GLU A 301 9.85 4.39 -13.73
C GLU A 301 10.22 4.15 -12.27
N LEU A 302 9.60 4.86 -11.33
CA LEU A 302 9.91 4.64 -9.93
C LEU A 302 9.56 3.21 -9.50
N ILE A 303 8.40 2.72 -9.94
CA ILE A 303 7.98 1.36 -9.59
C ILE A 303 8.97 0.33 -10.14
N GLU A 304 9.41 0.51 -11.39
CA GLU A 304 10.35 -0.42 -12.00
C GLU A 304 11.70 -0.40 -11.28
N GLU A 305 12.20 0.81 -11.00
CA GLU A 305 13.47 0.92 -10.29
C GLU A 305 13.38 0.32 -8.90
N ASN A 306 12.22 0.46 -8.25
CA ASN A 306 12.06 -0.05 -6.89
C ASN A 306 11.97 -1.58 -6.91
N ASP A 307 11.12 -2.12 -7.79
CA ASP A 307 10.98 -3.57 -7.88
C ASP A 307 12.30 -4.24 -8.25
N HIS A 308 13.13 -3.57 -9.07
CA HIS A 308 14.48 -4.06 -9.32
C HIS A 308 15.29 -4.12 -8.04
N GLU A 309 15.35 -3.01 -7.31
CA GLU A 309 16.16 -2.92 -6.10
C GLU A 309 15.66 -3.85 -4.99
N ILE A 310 14.38 -4.24 -5.01
CA ILE A 310 13.81 -5.13 -3.98
C ILE A 310 14.14 -6.58 -4.28
N TYR A 311 13.48 -7.13 -5.31
CA TYR A 311 13.51 -8.54 -5.68
C TYR A 311 14.84 -8.96 -6.30
N MET A 312 15.85 -8.08 -6.20
CA MET A 312 17.27 -8.39 -6.39
C MET A 312 18.07 -7.10 -6.57
#